data_4PWC
#
_entry.id   4PWC
#
_cell.length_a   117.220
_cell.length_b   117.220
_cell.length_c   201.490
_cell.angle_alpha   90.00
_cell.angle_beta   90.00
_cell.angle_gamma   120.00
#
_symmetry.space_group_name_H-M   'P 61 2 2'
#
loop_
_entity.id
_entity.type
_entity.pdbx_description
1 polymer 'Pollen allergen Phl p 4.0202'
2 non-polymer 'FLAVIN-ADENINE DINUCLEOTIDE'
3 non-polymer 'SODIUM ION'
4 non-polymer 'BROMIDE ION'
5 water water
#
_entity_poly.entity_id   1
_entity_poly.type   'polypeptide(L)'
_entity_poly.pdbx_seq_one_letter_code
;YFPPPAAKEDFLGCLVKEIPPRLLYAKSSPAYPSVLGQTIRNSRWSSPDNVKPLYIITPTQVSHIQSAVVCGRRHTVRIR
VRSGGHDYEGLSYRSLQPETFAVVDLNKMRAVWVDGKARTAWVDSGAQLGELYYAIYKASPTLAFPAGVCPTVGVGGHFA
GGGFGMLLRKYGIAAENVIDVKLVDANGKLHDKKSMGDDHFWAVRGGGGESFGIVVAWQVKLLPVPPTVTIFKISKTVSE
GAVDIINKWQVVAPQLPADLMIRIIAQGPKATFEAMYLGTCKTLTPLMSSKFPELGMNPSHCNEMSWIQSIPFVHLGHRD
ALEDDLLNRQNSFKPFAEYKSDYVYQPFPKTVWEQILNTWLVKPGAGIMIFDPYGATISATPESATPFPHRKGVLFNIQY
VNYWFAPGAAAAPLSWSKDIYNYMEPYVSKNPRQAYANYRDIDLGRNEVVNDVSTYASGKVWGQKYFKGNFERLAITKGK
VDPTDYFRNEQSIPPLIKKY
;
_entity_poly.pdbx_strand_id   A
#
loop_
_chem_comp.id
_chem_comp.type
_chem_comp.name
_chem_comp.formula
BR non-polymer 'BROMIDE ION' 'Br -1'
FAD non-polymer 'FLAVIN-ADENINE DINUCLEOTIDE' 'C27 H33 N9 O15 P2'
NA non-polymer 'SODIUM ION' 'Na 1'
#
# COMPACT_ATOMS: atom_id res chain seq x y z
N GLU A 9 -30.17 18.36 -1.45
CA GLU A 9 -31.24 17.48 -1.85
C GLU A 9 -31.05 17.03 -3.30
N ASP A 10 -30.35 17.87 -4.07
CA ASP A 10 -30.21 17.67 -5.51
C ASP A 10 -29.45 16.39 -5.84
N PHE A 11 -28.28 16.24 -5.22
CA PHE A 11 -27.42 15.06 -5.36
C PHE A 11 -28.09 13.86 -4.75
N LEU A 12 -28.49 14.01 -3.50
CA LEU A 12 -29.19 12.95 -2.81
C LEU A 12 -30.43 12.53 -3.59
N GLY A 13 -31.09 13.50 -4.22
CA GLY A 13 -32.29 13.24 -5.02
C GLY A 13 -31.98 12.32 -6.18
N CYS A 14 -30.91 12.68 -6.90
CA CYS A 14 -30.37 11.88 -7.99
C CYS A 14 -30.01 10.44 -7.54
N LEU A 15 -29.31 10.31 -6.42
CA LEU A 15 -28.89 8.99 -5.93
C LEU A 15 -30.07 8.05 -5.71
N VAL A 16 -31.12 8.53 -5.06
CA VAL A 16 -32.27 7.68 -4.72
C VAL A 16 -33.02 7.18 -5.96
N LYS A 17 -32.91 7.91 -7.08
CA LYS A 17 -33.57 7.51 -8.33
C LYS A 17 -33.01 6.22 -8.95
N GLU A 18 -31.73 5.93 -8.68
CA GLU A 18 -31.09 4.78 -9.33
C GLU A 18 -30.52 3.79 -8.32
N ILE A 19 -30.32 4.26 -7.10
CA ILE A 19 -29.68 3.42 -6.10
C ILE A 19 -30.65 3.11 -4.96
N PRO A 20 -30.74 1.82 -4.60
CA PRO A 20 -31.56 1.38 -3.46
C PRO A 20 -31.17 2.14 -2.21
N PRO A 21 -32.14 2.80 -1.59
CA PRO A 21 -31.92 3.69 -0.44
C PRO A 21 -31.29 3.02 0.77
N ARG A 22 -31.34 1.70 0.85
CA ARG A 22 -30.63 0.98 1.94
C ARG A 22 -29.12 1.11 1.77
N LEU A 23 -28.70 1.47 0.56
CA LEU A 23 -27.29 1.64 0.23
C LEU A 23 -26.83 3.09 0.31
N LEU A 24 -27.70 3.97 0.80
CA LEU A 24 -27.39 5.39 0.90
C LEU A 24 -27.44 5.85 2.36
N TYR A 25 -26.52 6.73 2.73
CA TYR A 25 -26.48 7.23 4.11
C TYR A 25 -26.17 8.73 4.12
N ALA A 26 -26.87 9.48 4.97
CA ALA A 26 -26.53 10.87 5.23
C ALA A 26 -26.06 10.96 6.67
N LYS A 27 -25.49 12.08 7.07
CA LYS A 27 -25.04 12.24 8.45
C LYS A 27 -26.23 12.07 9.39
N SER A 28 -27.41 12.47 8.92
CA SER A 28 -28.65 12.35 9.68
C SER A 28 -28.95 10.91 10.03
N SER A 29 -28.70 10.02 9.07
CA SER A 29 -28.98 8.59 9.20
C SER A 29 -28.38 8.00 10.47
N PRO A 30 -29.14 7.11 11.13
CA PRO A 30 -28.69 6.50 12.38
C PRO A 30 -27.49 5.56 12.20
N ALA A 31 -27.43 4.86 11.06
CA ALA A 31 -26.34 3.93 10.79
C ALA A 31 -25.08 4.62 10.24
N TYR A 32 -25.20 5.90 9.87
CA TYR A 32 -24.08 6.62 9.27
C TYR A 32 -22.75 6.49 10.06
N PRO A 33 -22.78 6.66 11.40
CA PRO A 33 -21.48 6.62 12.09
C PRO A 33 -20.78 5.27 12.00
N SER A 34 -21.52 4.18 12.06
CA SER A 34 -20.89 2.87 11.98
C SER A 34 -20.42 2.60 10.55
N VAL A 35 -21.22 2.98 9.56
CA VAL A 35 -20.81 2.83 8.17
C VAL A 35 -19.52 3.61 7.91
N LEU A 36 -19.41 4.80 8.49
CA LEU A 36 -18.19 5.60 8.33
C LEU A 36 -16.99 4.92 8.98
N GLY A 37 -17.10 4.56 10.25
CA GLY A 37 -15.98 4.05 11.01
C GLY A 37 -15.53 2.62 10.70
N GLN A 38 -16.38 1.87 10.02
CA GLN A 38 -16.17 0.43 9.89
C GLN A 38 -14.82 0.06 9.25
N THR A 39 -14.27 0.89 8.37
CA THR A 39 -12.93 0.55 7.84
C THR A 39 -11.90 1.64 8.08
N ILE A 40 -12.19 2.55 8.99
CA ILE A 40 -11.16 3.47 9.48
C ILE A 40 -10.11 2.67 10.27
N ARG A 41 -8.84 2.87 9.94
CA ARG A 41 -7.76 2.08 10.56
C ARG A 41 -6.90 2.92 11.50
N ASN A 42 -7.10 4.23 11.44
CA ASN A 42 -6.24 5.18 12.15
C ASN A 42 -7.06 6.08 13.08
N SER A 43 -6.88 5.92 14.39
CA SER A 43 -7.70 6.67 15.35
C SER A 43 -7.55 8.19 15.24
N ARG A 44 -6.43 8.66 14.69
CA ARG A 44 -6.25 10.08 14.43
C ARG A 44 -7.38 10.64 13.55
N TRP A 45 -7.91 9.81 12.66
CA TRP A 45 -8.86 10.28 11.66
C TRP A 45 -10.32 10.00 12.01
N SER A 46 -10.56 9.40 13.17
CA SER A 46 -11.93 9.13 13.60
C SER A 46 -12.44 10.14 14.63
N SER A 47 -11.54 10.90 15.24
CA SER A 47 -11.91 11.93 16.19
C SER A 47 -12.89 12.92 15.53
N PRO A 48 -13.72 13.58 16.33
CA PRO A 48 -14.82 14.39 15.75
C PRO A 48 -14.40 15.68 15.03
N ASP A 49 -13.16 16.14 15.21
CA ASP A 49 -12.67 17.32 14.50
C ASP A 49 -12.35 17.05 13.02
N ASN A 50 -12.33 15.78 12.64
CA ASN A 50 -12.10 15.39 11.24
C ASN A 50 -13.28 15.71 10.32
N VAL A 51 -13.00 16.19 9.11
CA VAL A 51 -14.07 16.50 8.17
C VAL A 51 -14.71 15.21 7.65
N LYS A 52 -16.04 15.15 7.68
CA LYS A 52 -16.77 13.92 7.36
C LYS A 52 -17.57 14.08 6.08
N PRO A 53 -17.78 12.97 5.34
CA PRO A 53 -18.55 13.05 4.10
C PRO A 53 -19.99 13.47 4.35
N LEU A 54 -20.60 14.07 3.35
CA LEU A 54 -21.99 14.48 3.46
C LEU A 54 -22.88 13.26 3.27
N TYR A 55 -22.43 12.37 2.40
CA TYR A 55 -23.17 11.17 2.07
C TYR A 55 -22.21 9.98 2.00
N ILE A 56 -22.72 8.77 2.23
CA ILE A 56 -21.97 7.55 1.96
C ILE A 56 -22.80 6.60 1.09
N ILE A 57 -22.23 6.14 -0.01
CA ILE A 57 -22.89 5.18 -0.88
C ILE A 57 -22.18 3.84 -0.80
N THR A 58 -22.91 2.76 -0.55
CA THR A 58 -22.31 1.43 -0.50
C THR A 58 -22.83 0.55 -1.63
N PRO A 59 -22.27 0.73 -2.83
CA PRO A 59 -22.77 -0.04 -3.97
C PRO A 59 -22.64 -1.55 -3.80
N THR A 60 -23.45 -2.30 -4.52
CA THR A 60 -23.31 -3.76 -4.58
C THR A 60 -23.21 -4.17 -6.04
N GLN A 61 -23.53 -3.23 -6.91
CA GLN A 61 -23.45 -3.43 -8.34
C GLN A 61 -22.65 -2.31 -9.01
N VAL A 62 -21.93 -2.63 -10.06
CA VAL A 62 -21.18 -1.62 -10.82
C VAL A 62 -22.10 -0.49 -11.33
N SER A 63 -23.33 -0.81 -11.71
CA SER A 63 -24.26 0.24 -12.17
C SER A 63 -24.58 1.25 -11.07
N HIS A 64 -24.54 0.81 -9.81
CA HIS A 64 -24.69 1.73 -8.67
C HIS A 64 -23.53 2.74 -8.65
N ILE A 65 -22.31 2.26 -8.95
CA ILE A 65 -21.15 3.12 -8.99
C ILE A 65 -21.27 4.14 -10.14
N GLN A 66 -21.66 3.66 -11.32
CA GLN A 66 -21.84 4.53 -12.49
C GLN A 66 -22.87 5.63 -12.16
N SER A 67 -23.99 5.24 -11.54
CA SER A 67 -25.03 6.20 -11.16
C SER A 67 -24.52 7.24 -10.17
N ALA A 68 -23.76 6.79 -9.18
CA ALA A 68 -23.17 7.67 -8.18
C ALA A 68 -22.27 8.73 -8.84
N VAL A 69 -21.47 8.31 -9.82
CA VAL A 69 -20.54 9.21 -10.47
C VAL A 69 -21.30 10.20 -11.36
N VAL A 70 -22.25 9.69 -12.14
CA VAL A 70 -23.08 10.55 -12.98
C VAL A 70 -23.77 11.63 -12.13
N CYS A 71 -24.45 11.20 -11.06
CA CYS A 71 -25.07 12.14 -10.14
C CYS A 71 -24.04 13.14 -9.58
N GLY A 72 -22.88 12.63 -9.18
CA GLY A 72 -21.83 13.49 -8.66
C GLY A 72 -21.37 14.56 -9.65
N ARG A 73 -21.24 14.16 -10.92
CA ARG A 73 -20.84 15.08 -11.99
C ARG A 73 -21.92 16.14 -12.22
N ARG A 74 -23.15 15.67 -12.35
CA ARG A 74 -24.31 16.51 -12.62
C ARG A 74 -24.54 17.54 -11.52
N HIS A 75 -24.36 17.15 -10.27
CA HIS A 75 -24.69 18.04 -9.16
C HIS A 75 -23.44 18.53 -8.44
N THR A 76 -22.30 18.38 -9.11
CA THR A 76 -20.98 18.84 -8.63
C THR A 76 -20.75 18.51 -7.17
N VAL A 77 -20.88 17.22 -6.86
CA VAL A 77 -20.43 16.71 -5.57
C VAL A 77 -19.34 15.68 -5.82
N ARG A 78 -18.14 15.97 -5.30
CA ARG A 78 -17.00 15.08 -5.52
C ARG A 78 -17.06 13.80 -4.66
N ILE A 79 -16.37 12.77 -5.12
CA ILE A 79 -16.42 11.45 -4.55
C ILE A 79 -15.03 10.97 -4.14
N ARG A 80 -14.91 10.51 -2.91
CA ARG A 80 -13.70 9.82 -2.52
C ARG A 80 -14.05 8.34 -2.39
N VAL A 81 -13.29 7.49 -3.07
CA VAL A 81 -13.62 6.07 -3.10
C VAL A 81 -12.86 5.34 -2.00
N ARG A 82 -13.53 4.39 -1.36
CA ARG A 82 -12.88 3.63 -0.32
C ARG A 82 -13.04 2.15 -0.54
N SER A 83 -11.94 1.42 -0.37
CA SER A 83 -11.97 -0.02 -0.46
C SER A 83 -11.72 -0.60 0.91
N GLY A 84 -10.44 -0.68 1.29
CA GLY A 84 -10.07 -1.22 2.58
C GLY A 84 -9.88 -0.21 3.69
N GLY A 85 -9.85 1.08 3.34
CA GLY A 85 -9.77 2.16 4.31
C GLY A 85 -8.41 2.40 4.95
N HIS A 86 -7.39 1.69 4.48
CA HIS A 86 -6.05 1.79 5.09
C HIS A 86 -5.21 3.01 4.73
N ASP A 87 -5.74 3.91 3.92
CA ASP A 87 -4.99 5.11 3.57
C ASP A 87 -4.38 5.74 4.81
N TYR A 88 -3.05 5.85 4.83
CA TYR A 88 -2.33 6.39 5.99
C TYR A 88 -2.78 7.77 6.45
N GLU A 89 -3.37 8.55 5.55
CA GLU A 89 -3.79 9.91 5.87
C GLU A 89 -5.31 9.98 5.92
N GLY A 90 -5.96 8.83 5.72
CA GLY A 90 -7.40 8.74 5.76
C GLY A 90 -8.11 9.36 4.57
N LEU A 91 -7.41 9.59 3.45
CA LEU A 91 -7.95 10.41 2.35
C LEU A 91 -9.09 9.74 1.60
N SER A 92 -9.33 8.47 1.89
CA SER A 92 -10.48 7.78 1.29
C SER A 92 -11.80 8.11 2.01
N TYR A 93 -11.74 8.75 3.18
CA TYR A 93 -12.98 9.04 3.91
C TYR A 93 -13.03 10.39 4.66
N ARG A 94 -11.98 11.19 4.56
CA ARG A 94 -11.94 12.54 5.13
C ARG A 94 -11.21 13.48 4.17
N SER A 95 -11.48 14.78 4.28
CA SER A 95 -10.62 15.79 3.66
C SER A 95 -9.86 16.53 4.75
N LEU A 96 -8.75 17.16 4.42
CA LEU A 96 -7.96 17.88 5.41
C LEU A 96 -8.65 19.17 5.84
N GLN A 97 -9.16 19.91 4.85
CA GLN A 97 -9.90 21.13 5.07
C GLN A 97 -11.38 20.88 4.77
N PRO A 98 -12.28 21.68 5.38
CA PRO A 98 -13.71 21.62 5.11
C PRO A 98 -14.05 21.55 3.63
N GLU A 99 -14.90 20.58 3.27
CA GLU A 99 -15.48 20.56 1.94
C GLU A 99 -16.57 19.51 1.86
N THR A 100 -17.39 19.63 0.83
CA THR A 100 -18.53 18.76 0.65
C THR A 100 -18.18 17.62 -0.30
N PHE A 101 -18.22 16.40 0.22
CA PHE A 101 -17.91 15.23 -0.61
C PHE A 101 -18.68 14.00 -0.16
N ALA A 102 -18.85 13.05 -1.09
CA ALA A 102 -19.44 11.75 -0.76
C ALA A 102 -18.35 10.68 -0.80
N VAL A 103 -18.47 9.69 0.07
CA VAL A 103 -17.61 8.51 -0.01
C VAL A 103 -18.37 7.39 -0.72
N VAL A 104 -17.79 6.83 -1.77
CA VAL A 104 -18.28 5.58 -2.32
C VAL A 104 -17.45 4.45 -1.69
N ASP A 105 -18.09 3.68 -0.83
CA ASP A 105 -17.46 2.60 -0.07
C ASP A 105 -17.72 1.27 -0.74
N LEU A 106 -16.66 0.54 -1.07
CA LEU A 106 -16.83 -0.68 -1.87
C LEU A 106 -16.84 -1.98 -1.08
N ASN A 107 -16.97 -1.89 0.25
CA ASN A 107 -16.77 -3.07 1.08
C ASN A 107 -17.77 -4.20 0.78
N LYS A 108 -18.90 -3.90 0.14
CA LYS A 108 -19.86 -4.96 -0.21
C LYS A 108 -19.52 -5.64 -1.55
N MET A 109 -18.59 -5.06 -2.30
CA MET A 109 -18.17 -5.69 -3.56
C MET A 109 -16.82 -6.35 -3.32
N ARG A 110 -16.84 -7.64 -3.00
CA ARG A 110 -15.68 -8.27 -2.41
C ARG A 110 -15.42 -9.68 -2.95
N ALA A 111 -16.02 -9.98 -4.09
CA ALA A 111 -15.94 -11.31 -4.68
C ALA A 111 -14.58 -11.56 -5.33
N VAL A 112 -14.11 -12.80 -5.21
CA VAL A 112 -12.87 -13.23 -5.84
C VAL A 112 -13.10 -14.51 -6.66
N TRP A 113 -12.96 -14.43 -7.97
CA TRP A 113 -13.18 -15.60 -8.81
C TRP A 113 -11.86 -16.10 -9.44
N VAL A 114 -11.38 -17.22 -8.92
CA VAL A 114 -10.10 -17.80 -9.35
C VAL A 114 -10.29 -18.85 -10.45
N ASP A 115 -9.49 -18.71 -11.49
CA ASP A 115 -9.43 -19.70 -12.56
C ASP A 115 -8.10 -20.44 -12.43
N GLY A 116 -8.12 -21.55 -11.68
CA GLY A 116 -6.93 -22.28 -11.33
C GLY A 116 -6.09 -22.73 -12.51
N LYS A 117 -6.73 -23.30 -13.51
CA LYS A 117 -5.97 -23.83 -14.64
C LYS A 117 -5.51 -22.74 -15.60
N ALA A 118 -6.23 -21.63 -15.66
CA ALA A 118 -5.77 -20.52 -16.49
C ALA A 118 -4.70 -19.69 -15.79
N ARG A 119 -4.63 -19.84 -14.47
CA ARG A 119 -3.77 -19.05 -13.58
C ARG A 119 -4.08 -17.57 -13.66
N THR A 120 -5.38 -17.27 -13.63
CA THR A 120 -5.85 -15.91 -13.58
C THR A 120 -6.99 -15.83 -12.59
N ALA A 121 -7.33 -14.62 -12.19
CA ALA A 121 -8.46 -14.41 -11.31
C ALA A 121 -8.96 -12.99 -11.45
N TRP A 122 -10.26 -12.82 -11.30
CA TRP A 122 -10.88 -11.51 -11.12
C TRP A 122 -11.12 -11.22 -9.63
N VAL A 123 -10.67 -10.06 -9.17
CA VAL A 123 -10.90 -9.70 -7.77
C VAL A 123 -11.52 -8.31 -7.63
N ASP A 124 -12.63 -8.25 -6.90
CA ASP A 124 -13.30 -6.98 -6.63
C ASP A 124 -12.40 -6.11 -5.78
N SER A 125 -12.44 -4.80 -6.03
CA SER A 125 -11.62 -3.86 -5.27
C SER A 125 -11.95 -3.85 -3.77
N GLY A 126 -13.20 -4.13 -3.44
CA GLY A 126 -13.61 -4.14 -2.05
C GLY A 126 -13.15 -5.35 -1.26
N ALA A 127 -12.71 -6.41 -1.95
CA ALA A 127 -12.09 -7.53 -1.23
C ALA A 127 -10.82 -7.09 -0.52
N GLN A 128 -10.49 -7.78 0.56
CA GLN A 128 -9.27 -7.51 1.31
C GLN A 128 -8.20 -8.50 0.88
N LEU A 129 -6.94 -8.15 1.13
CA LEU A 129 -5.83 -9.00 0.69
C LEU A 129 -5.99 -10.42 1.20
N GLY A 130 -6.32 -10.54 2.49
CA GLY A 130 -6.56 -11.84 3.08
C GLY A 130 -7.53 -12.72 2.31
N GLU A 131 -8.63 -12.11 1.84
CA GLU A 131 -9.67 -12.82 1.11
C GLU A 131 -9.17 -13.27 -0.27
N LEU A 132 -8.40 -12.40 -0.92
CA LEU A 132 -7.79 -12.75 -2.21
C LEU A 132 -6.80 -13.92 -2.04
N TYR A 133 -5.94 -13.83 -1.03
CA TYR A 133 -4.98 -14.91 -0.77
C TYR A 133 -5.70 -16.23 -0.47
N TYR A 134 -6.74 -16.17 0.35
CA TYR A 134 -7.48 -17.37 0.72
C TYR A 134 -8.19 -18.05 -0.47
N ALA A 135 -8.72 -17.24 -1.38
CA ALA A 135 -9.46 -17.76 -2.52
C ALA A 135 -8.51 -18.46 -3.49
N ILE A 136 -7.29 -17.96 -3.58
CA ILE A 136 -6.26 -18.55 -4.41
C ILE A 136 -5.88 -19.91 -3.79
N TYR A 137 -5.74 -19.91 -2.47
CA TYR A 137 -5.45 -21.09 -1.71
C TYR A 137 -6.48 -22.20 -1.89
N LYS A 138 -7.76 -21.84 -1.87
CA LYS A 138 -8.82 -22.83 -2.05
C LYS A 138 -8.74 -23.46 -3.44
N ALA A 139 -8.10 -22.77 -4.37
CA ALA A 139 -7.98 -23.26 -5.73
C ALA A 139 -6.71 -24.09 -5.98
N SER A 140 -5.60 -23.69 -5.38
CA SER A 140 -4.33 -24.40 -5.52
C SER A 140 -3.36 -24.04 -4.41
N PRO A 141 -2.78 -25.07 -3.78
CA PRO A 141 -1.75 -24.92 -2.75
C PRO A 141 -0.45 -24.33 -3.30
N THR A 142 -0.24 -24.41 -4.61
CA THR A 142 0.99 -23.92 -5.23
C THR A 142 0.83 -22.71 -6.16
N LEU A 143 -0.22 -21.93 -5.96
CA LEU A 143 -0.35 -20.65 -6.65
C LEU A 143 -0.29 -19.53 -5.63
N ALA A 144 0.20 -18.38 -6.06
CA ALA A 144 0.28 -17.23 -5.17
C ALA A 144 0.09 -15.96 -5.95
N PHE A 145 0.03 -14.85 -5.21
CA PHE A 145 0.01 -13.53 -5.82
C PHE A 145 0.80 -12.57 -4.96
N PRO A 146 1.77 -11.85 -5.58
CA PRO A 146 2.72 -10.98 -4.89
C PRO A 146 2.11 -9.66 -4.44
N ALA A 147 1.46 -9.64 -3.29
CA ALA A 147 0.99 -8.37 -2.74
C ALA A 147 1.45 -8.18 -1.29
N GLY A 148 0.90 -7.16 -0.63
CA GLY A 148 1.31 -6.81 0.72
C GLY A 148 1.17 -7.85 1.84
N VAL A 149 1.53 -7.41 3.04
CA VAL A 149 1.61 -8.26 4.21
C VAL A 149 0.33 -8.21 5.07
N CYS A 150 -0.31 -7.04 5.12
CA CYS A 150 -1.50 -6.87 5.94
C CYS A 150 -2.80 -7.39 5.29
N PRO A 151 -3.42 -8.41 5.91
CA PRO A 151 -4.59 -9.09 5.31
C PRO A 151 -5.87 -8.25 5.19
N THR A 152 -5.98 -7.14 5.92
CA THR A 152 -7.19 -6.33 5.87
C THR A 152 -7.05 -5.14 4.92
N VAL A 153 -5.87 -5.00 4.31
CA VAL A 153 -5.70 -3.96 3.29
C VAL A 153 -6.62 -4.26 2.11
N GLY A 154 -7.29 -3.21 1.62
CA GLY A 154 -8.20 -3.38 0.50
C GLY A 154 -7.45 -3.52 -0.81
N VAL A 155 -7.99 -4.33 -1.70
CA VAL A 155 -7.38 -4.52 -3.01
C VAL A 155 -7.32 -3.23 -3.83
N GLY A 156 -8.43 -2.48 -3.86
CA GLY A 156 -8.53 -1.23 -4.61
C GLY A 156 -7.43 -0.20 -4.39
N GLY A 157 -7.21 0.21 -3.14
CA GLY A 157 -6.14 1.16 -2.87
C GLY A 157 -4.75 0.55 -3.06
N HIS A 158 -4.62 -0.73 -2.67
CA HIS A 158 -3.32 -1.40 -2.63
C HIS A 158 -2.72 -1.52 -4.03
N PHE A 159 -3.50 -2.07 -4.96
CA PHE A 159 -3.07 -2.28 -6.34
C PHE A 159 -2.85 -0.95 -7.05
N ALA A 160 -3.69 0.04 -6.75
CA ALA A 160 -3.59 1.36 -7.38
C ALA A 160 -2.29 2.02 -7.02
N GLY A 161 -1.85 1.82 -5.79
CA GLY A 161 -0.62 2.42 -5.30
C GLY A 161 0.61 1.59 -5.57
N GLY A 162 0.44 0.45 -6.24
CA GLY A 162 1.56 -0.43 -6.54
C GLY A 162 1.47 -1.76 -5.80
N GLY A 163 1.78 -1.73 -4.50
CA GLY A 163 1.63 -2.89 -3.63
C GLY A 163 2.80 -3.86 -3.62
N PHE A 164 3.49 -4.00 -2.49
CA PHE A 164 4.55 -4.99 -2.45
C PHE A 164 4.63 -5.67 -1.09
N GLY A 165 5.09 -6.93 -1.11
CA GLY A 165 5.24 -7.75 0.06
C GLY A 165 6.43 -8.69 -0.09
N MET A 166 6.34 -9.81 0.62
CA MET A 166 7.46 -10.74 0.74
C MET A 166 7.80 -11.46 -0.57
N LEU A 167 6.96 -11.32 -1.58
CA LEU A 167 7.27 -11.91 -2.87
C LEU A 167 7.86 -10.86 -3.85
N LEU A 168 8.14 -9.66 -3.36
CA LEU A 168 8.52 -8.56 -4.26
C LEU A 168 9.82 -8.88 -5.03
N ARG A 169 10.76 -9.57 -4.39
CA ARG A 169 12.02 -9.87 -5.05
C ARG A 169 11.80 -10.92 -6.14
N LYS A 170 10.86 -11.83 -5.91
CA LYS A 170 10.57 -12.86 -6.89
C LYS A 170 9.75 -12.33 -8.09
N TYR A 171 8.72 -11.53 -7.80
CA TYR A 171 7.71 -11.23 -8.81
C TYR A 171 7.41 -9.74 -9.00
N GLY A 172 7.99 -8.89 -8.17
CA GLY A 172 7.76 -7.47 -8.32
C GLY A 172 6.54 -7.02 -7.55
N ILE A 173 5.95 -5.92 -7.97
CA ILE A 173 4.83 -5.36 -7.24
C ILE A 173 3.49 -5.94 -7.74
N ALA A 174 2.43 -5.78 -6.94
CA ALA A 174 1.11 -6.33 -7.27
C ALA A 174 0.61 -5.77 -8.58
N ALA A 175 0.80 -4.46 -8.74
CA ALA A 175 0.31 -3.73 -9.91
C ALA A 175 0.87 -4.24 -11.25
N GLU A 176 2.15 -4.64 -11.28
CA GLU A 176 2.73 -5.12 -12.53
C GLU A 176 2.38 -6.59 -12.80
N ASN A 177 1.46 -7.14 -11.99
CA ASN A 177 0.89 -8.46 -12.26
C ASN A 177 -0.62 -8.43 -12.48
N VAL A 178 -1.11 -7.25 -12.85
CA VAL A 178 -2.50 -7.02 -13.21
C VAL A 178 -2.63 -7.07 -14.72
N ILE A 179 -3.46 -7.96 -15.24
CA ILE A 179 -3.57 -8.09 -16.68
C ILE A 179 -4.85 -7.43 -17.23
N ASP A 180 -5.77 -7.05 -16.34
CA ASP A 180 -6.95 -6.29 -16.78
C ASP A 180 -7.64 -5.63 -15.58
N VAL A 181 -8.43 -4.61 -15.84
CA VAL A 181 -9.22 -3.92 -14.81
C VAL A 181 -10.62 -3.60 -15.35
N LYS A 182 -11.57 -3.37 -14.44
CA LYS A 182 -12.86 -2.79 -14.79
C LYS A 182 -12.93 -1.52 -14.02
N LEU A 183 -13.16 -0.43 -14.73
CA LEU A 183 -12.99 0.88 -14.16
C LEU A 183 -14.14 1.79 -14.55
N VAL A 184 -14.56 2.63 -13.61
CA VAL A 184 -15.55 3.65 -13.90
C VAL A 184 -14.84 5.00 -13.93
N ASP A 185 -14.93 5.70 -15.06
CA ASP A 185 -14.14 6.91 -15.21
C ASP A 185 -14.93 8.12 -14.71
N ALA A 186 -14.36 9.31 -14.90
CA ALA A 186 -14.96 10.53 -14.37
C ALA A 186 -16.30 10.89 -15.03
N ASN A 187 -16.70 10.16 -16.07
CA ASN A 187 -18.00 10.34 -16.71
C ASN A 187 -18.94 9.16 -16.54
N GLY A 188 -18.61 8.27 -15.61
CA GLY A 188 -19.46 7.13 -15.37
C GLY A 188 -19.37 6.05 -16.42
N LYS A 189 -18.50 6.19 -17.42
CA LYS A 189 -18.37 5.12 -18.40
C LYS A 189 -17.51 3.99 -17.84
N LEU A 190 -17.91 2.76 -18.15
CA LEU A 190 -17.19 1.58 -17.73
C LEU A 190 -16.18 1.14 -18.79
N HIS A 191 -14.92 1.06 -18.42
CA HIS A 191 -13.84 0.61 -19.31
C HIS A 191 -13.14 -0.65 -18.83
N ASP A 192 -12.54 -1.38 -19.78
CA ASP A 192 -11.53 -2.37 -19.43
C ASP A 192 -10.29 -2.06 -20.25
N LYS A 193 -9.32 -2.97 -20.26
CA LYS A 193 -8.04 -2.69 -20.93
C LYS A 193 -8.23 -2.42 -22.44
N LYS A 194 -9.12 -3.18 -23.07
CA LYS A 194 -9.40 -3.09 -24.49
C LYS A 194 -9.98 -1.71 -24.84
N SER A 195 -10.80 -1.17 -23.95
CA SER A 195 -11.52 0.05 -24.27
C SER A 195 -10.97 1.31 -23.62
N MET A 196 -9.81 1.28 -22.97
CA MET A 196 -9.36 2.50 -22.31
C MET A 196 -8.07 3.09 -22.91
N GLY A 197 -7.27 2.28 -23.57
CA GLY A 197 -6.06 2.90 -24.10
C GLY A 197 -4.95 3.02 -23.08
N ASP A 198 -3.74 3.11 -23.60
CA ASP A 198 -2.57 2.60 -22.91
C ASP A 198 -2.14 3.42 -21.70
N ASP A 199 -2.13 4.74 -21.84
CA ASP A 199 -1.70 5.63 -20.77
C ASP A 199 -2.58 5.40 -19.54
N HIS A 200 -3.89 5.35 -19.75
CA HIS A 200 -4.82 5.13 -18.66
C HIS A 200 -4.57 3.78 -17.97
N PHE A 201 -4.30 2.74 -18.75
CA PHE A 201 -4.08 1.43 -18.20
C PHE A 201 -2.71 1.33 -17.52
N TRP A 202 -1.74 2.06 -18.05
CA TRP A 202 -0.43 2.17 -17.43
C TRP A 202 -0.56 2.91 -16.10
N ALA A 203 -1.24 4.05 -16.11
CA ALA A 203 -1.34 4.91 -14.95
C ALA A 203 -2.08 4.27 -13.75
N VAL A 204 -3.13 3.52 -14.03
CA VAL A 204 -4.02 3.08 -12.97
C VAL A 204 -3.36 1.98 -12.13
N ARG A 205 -2.42 1.27 -12.75
CA ARG A 205 -1.67 0.21 -12.11
C ARG A 205 -0.37 0.75 -11.50
N GLY A 206 -0.47 1.43 -10.37
CA GLY A 206 0.70 1.96 -9.68
C GLY A 206 0.76 3.47 -9.51
N GLY A 207 -0.07 4.20 -10.27
CA GLY A 207 -0.07 5.65 -10.23
C GLY A 207 -0.83 6.28 -9.06
N GLY A 208 -1.25 5.44 -8.11
CA GLY A 208 -1.92 5.92 -6.92
C GLY A 208 -3.43 5.88 -7.04
N GLY A 209 -4.07 5.70 -5.90
CA GLY A 209 -5.52 5.59 -5.87
C GLY A 209 -6.23 6.90 -6.15
N GLU A 210 -7.54 6.79 -6.38
CA GLU A 210 -8.43 7.92 -6.63
C GLU A 210 -8.21 8.62 -7.99
N SER A 211 -6.96 8.99 -8.29
CA SER A 211 -6.65 9.89 -9.42
C SER A 211 -7.17 9.44 -10.78
N PHE A 212 -7.24 8.14 -11.02
CA PHE A 212 -7.55 7.67 -12.35
C PHE A 212 -8.87 6.94 -12.47
N GLY A 213 -9.78 7.21 -11.54
CA GLY A 213 -11.11 6.64 -11.61
C GLY A 213 -11.29 5.51 -10.62
N ILE A 214 -12.53 5.05 -10.50
CA ILE A 214 -12.85 3.98 -9.57
C ILE A 214 -12.68 2.61 -10.22
N VAL A 215 -11.65 1.88 -9.80
CA VAL A 215 -11.49 0.50 -10.28
C VAL A 215 -12.47 -0.40 -9.52
N VAL A 216 -13.29 -1.11 -10.27
CA VAL A 216 -14.31 -1.96 -9.68
C VAL A 216 -13.73 -3.35 -9.35
N ALA A 217 -12.96 -3.88 -10.29
CA ALA A 217 -12.35 -5.20 -10.17
C ALA A 217 -11.03 -5.22 -10.93
N TRP A 218 -10.15 -6.13 -10.53
CA TRP A 218 -8.85 -6.28 -11.15
C TRP A 218 -8.67 -7.73 -11.59
N GLN A 219 -8.16 -7.94 -12.80
CA GLN A 219 -7.78 -9.30 -13.20
C GLN A 219 -6.29 -9.51 -13.00
N VAL A 220 -5.94 -10.56 -12.29
CA VAL A 220 -4.54 -10.80 -11.99
C VAL A 220 -4.07 -12.10 -12.60
N LYS A 221 -2.78 -12.19 -12.91
CA LYS A 221 -2.22 -13.50 -13.18
C LYS A 221 -1.73 -14.08 -11.85
N LEU A 222 -1.91 -15.39 -11.69
CA LEU A 222 -1.46 -16.07 -10.49
C LEU A 222 -0.15 -16.75 -10.80
N LEU A 223 0.76 -16.79 -9.83
CA LEU A 223 2.11 -17.26 -10.10
C LEU A 223 2.47 -18.50 -9.25
N PRO A 224 3.38 -19.34 -9.77
CA PRO A 224 3.77 -20.55 -9.04
C PRO A 224 4.56 -20.25 -7.77
N VAL A 225 4.27 -20.99 -6.71
CA VAL A 225 5.11 -21.08 -5.51
C VAL A 225 5.34 -22.55 -5.15
N PRO A 226 6.46 -22.86 -4.48
CA PRO A 226 6.67 -24.25 -4.05
C PRO A 226 5.63 -24.66 -3.02
N PRO A 227 5.38 -25.96 -2.89
CA PRO A 227 4.43 -26.45 -1.89
C PRO A 227 4.94 -26.20 -0.47
N THR A 228 6.24 -25.93 -0.36
CA THR A 228 6.83 -25.55 0.92
C THR A 228 7.68 -24.30 0.78
N VAL A 229 7.49 -23.34 1.67
CA VAL A 229 8.40 -22.21 1.75
C VAL A 229 9.04 -22.21 3.12
N THR A 230 10.15 -21.49 3.26
CA THR A 230 10.81 -21.39 4.56
C THR A 230 10.90 -19.95 5.05
N ILE A 231 10.45 -19.75 6.28
CA ILE A 231 10.55 -18.51 7.02
C ILE A 231 11.59 -18.61 8.16
N PHE A 232 12.36 -17.56 8.39
CA PHE A 232 13.03 -17.44 9.69
C PHE A 232 13.01 -16.00 10.23
N LYS A 233 13.06 -15.87 11.56
CA LYS A 233 13.22 -14.58 12.22
C LYS A 233 14.41 -14.68 13.19
N ILE A 234 15.55 -14.11 12.77
CA ILE A 234 16.76 -14.16 13.57
C ILE A 234 17.10 -12.77 14.15
N SER A 235 17.14 -12.66 15.47
CA SER A 235 17.41 -11.39 16.12
C SER A 235 18.89 -11.21 16.42
N LYS A 236 19.37 -9.97 16.34
CA LYS A 236 20.72 -9.64 16.78
C LYS A 236 20.70 -8.32 17.53
N THR A 237 21.08 -8.33 18.81
CA THR A 237 21.18 -7.08 19.56
C THR A 237 22.48 -6.39 19.13
N VAL A 238 22.70 -5.15 19.55
CA VAL A 238 23.97 -4.51 19.21
C VAL A 238 25.13 -5.25 19.87
N SER A 239 24.89 -5.82 21.06
CA SER A 239 25.88 -6.61 21.76
C SER A 239 26.31 -7.80 20.88
N GLU A 240 25.32 -8.45 20.27
CA GLU A 240 25.57 -9.59 19.39
C GLU A 240 26.19 -9.20 18.04
N GLY A 241 26.49 -7.90 17.88
CA GLY A 241 27.11 -7.42 16.66
C GLY A 241 26.13 -7.09 15.56
N ALA A 242 24.98 -6.53 15.92
CA ALA A 242 23.97 -6.13 14.94
C ALA A 242 24.54 -5.19 13.86
N VAL A 243 25.15 -4.09 14.31
CA VAL A 243 25.68 -3.08 13.42
C VAL A 243 26.61 -3.64 12.34
N ASP A 244 27.43 -4.62 12.71
CA ASP A 244 28.32 -5.22 11.72
C ASP A 244 27.54 -6.05 10.70
N ILE A 245 26.57 -6.82 11.18
CA ILE A 245 25.80 -7.72 10.31
C ILE A 245 24.87 -6.97 9.35
N ILE A 246 24.19 -5.95 9.88
CA ILE A 246 23.24 -5.16 9.11
C ILE A 246 24.01 -4.32 8.08
N ASN A 247 25.24 -3.97 8.44
CA ASN A 247 26.13 -3.27 7.53
C ASN A 247 26.50 -4.12 6.31
N LYS A 248 26.62 -5.42 6.52
CA LYS A 248 26.88 -6.35 5.42
C LYS A 248 25.60 -6.55 4.60
N TRP A 249 24.48 -6.74 5.30
CA TRP A 249 23.15 -7.02 4.73
C TRP A 249 22.78 -6.06 3.61
N GLN A 250 23.00 -4.77 3.85
CA GLN A 250 22.59 -3.71 2.93
C GLN A 250 23.22 -3.85 1.55
N VAL A 251 24.31 -4.60 1.48
CA VAL A 251 24.99 -4.85 0.22
C VAL A 251 24.64 -6.24 -0.31
N VAL A 252 24.55 -7.21 0.59
CA VAL A 252 24.27 -8.60 0.23
C VAL A 252 22.79 -8.89 -0.08
N ALA A 253 21.90 -8.37 0.76
CA ALA A 253 20.48 -8.71 0.63
C ALA A 253 19.89 -8.34 -0.74
N PRO A 254 20.18 -7.13 -1.27
CA PRO A 254 19.63 -6.86 -2.61
C PRO A 254 20.13 -7.77 -3.75
N GLN A 255 21.25 -8.47 -3.56
CA GLN A 255 21.72 -9.31 -4.66
C GLN A 255 21.67 -10.81 -4.40
N LEU A 256 21.07 -11.19 -3.26
CA LEU A 256 20.70 -12.58 -3.03
C LEU A 256 19.80 -13.08 -4.17
N PRO A 257 19.74 -14.40 -4.39
CA PRO A 257 18.86 -14.90 -5.43
C PRO A 257 17.40 -14.49 -5.20
N ALA A 258 16.64 -14.41 -6.29
CA ALA A 258 15.29 -13.86 -6.28
C ALA A 258 14.37 -14.67 -5.36
N ASP A 259 14.77 -15.90 -5.07
CA ASP A 259 14.00 -16.77 -4.20
C ASP A 259 14.12 -16.40 -2.73
N LEU A 260 15.01 -15.48 -2.40
CA LEU A 260 15.27 -15.21 -0.98
C LEU A 260 15.12 -13.74 -0.62
N MET A 261 14.12 -13.43 0.22
CA MET A 261 13.99 -12.08 0.73
C MET A 261 14.27 -12.07 2.21
N ILE A 262 15.09 -11.12 2.62
CA ILE A 262 15.37 -10.96 4.03
C ILE A 262 15.15 -9.53 4.39
N ARG A 263 14.07 -9.25 5.11
CA ARG A 263 13.84 -7.89 5.54
C ARG A 263 14.21 -7.74 7.00
N ILE A 264 14.31 -6.49 7.44
CA ILE A 264 14.72 -6.16 8.79
C ILE A 264 13.68 -5.33 9.50
N ILE A 265 13.33 -5.74 10.70
CA ILE A 265 12.55 -4.93 11.63
C ILE A 265 13.47 -4.48 12.76
N ALA A 266 13.41 -3.22 13.12
CA ALA A 266 14.21 -2.74 14.22
C ALA A 266 13.38 -1.78 15.07
N GLN A 267 13.32 -2.03 16.39
CA GLN A 267 12.59 -1.14 17.31
C GLN A 267 13.33 -0.92 18.63
N GLY A 268 14.65 -0.83 18.51
CA GLY A 268 15.53 -0.58 19.62
C GLY A 268 16.90 -1.04 19.16
N PRO A 269 17.84 -1.18 20.11
CA PRO A 269 19.22 -1.58 19.77
C PRO A 269 19.28 -3.07 19.39
N LYS A 270 18.41 -3.47 18.46
CA LYS A 270 18.23 -4.87 18.09
C LYS A 270 17.61 -4.98 16.70
N ALA A 271 18.26 -5.72 15.82
CA ALA A 271 17.74 -5.96 14.48
C ALA A 271 17.14 -7.36 14.34
N THR A 272 15.92 -7.43 13.81
CA THR A 272 15.36 -8.73 13.50
C THR A 272 15.39 -8.97 12.00
N PHE A 273 16.02 -10.07 11.61
CA PHE A 273 16.15 -10.46 10.23
C PHE A 273 15.06 -11.46 9.86
N GLU A 274 14.02 -10.99 9.16
CA GLU A 274 12.87 -11.81 8.73
C GLU A 274 13.02 -12.26 7.29
N ALA A 275 12.92 -13.57 7.07
CA ALA A 275 13.23 -14.10 5.76
C ALA A 275 12.10 -14.94 5.19
N MET A 276 11.82 -14.73 3.91
CA MET A 276 11.05 -15.72 3.20
C MET A 276 11.88 -16.30 2.09
N TYR A 277 11.92 -17.63 2.05
CA TYR A 277 12.65 -18.36 1.05
C TYR A 277 11.73 -19.31 0.29
N LEU A 278 11.70 -19.19 -1.03
CA LEU A 278 10.84 -20.09 -1.82
C LEU A 278 11.54 -21.43 -2.06
N GLY A 279 11.64 -22.23 -1.01
CA GLY A 279 12.34 -23.50 -1.05
C GLY A 279 12.38 -24.08 0.33
N THR A 280 13.27 -25.05 0.57
CA THR A 280 13.31 -25.74 1.86
C THR A 280 14.48 -25.32 2.74
N CYS A 281 14.44 -25.75 3.99
CA CYS A 281 15.53 -25.49 4.92
C CYS A 281 16.83 -26.11 4.39
N LYS A 282 16.66 -27.29 3.81
CA LYS A 282 17.75 -28.07 3.26
C LYS A 282 18.62 -27.25 2.31
N THR A 283 17.98 -26.42 1.50
CA THR A 283 18.68 -25.66 0.47
C THR A 283 18.98 -24.25 0.94
N LEU A 284 18.20 -23.75 1.89
CA LEU A 284 18.40 -22.40 2.41
C LEU A 284 19.67 -22.30 3.25
N THR A 285 19.91 -23.30 4.11
CA THR A 285 21.07 -23.28 5.00
C THR A 285 22.43 -23.20 4.26
N PRO A 286 22.65 -24.04 3.24
CA PRO A 286 23.91 -23.85 2.50
C PRO A 286 24.01 -22.50 1.80
N LEU A 287 22.88 -22.01 1.28
CA LEU A 287 22.84 -20.72 0.61
C LEU A 287 23.18 -19.60 1.60
N MET A 288 22.62 -19.68 2.80
CA MET A 288 22.94 -18.71 3.85
C MET A 288 24.41 -18.81 4.21
N SER A 289 24.88 -20.05 4.38
CA SER A 289 26.27 -20.32 4.72
C SER A 289 27.21 -19.73 3.68
N SER A 290 26.81 -19.84 2.42
CA SER A 290 27.60 -19.35 1.30
C SER A 290 27.56 -17.83 1.09
N LYS A 291 26.38 -17.22 1.23
CA LYS A 291 26.18 -15.83 0.81
C LYS A 291 26.10 -14.82 1.97
N PHE A 292 25.59 -15.27 3.11
CA PHE A 292 25.41 -14.39 4.26
C PHE A 292 25.70 -15.14 5.57
N PRO A 293 26.92 -15.70 5.70
CA PRO A 293 27.17 -16.46 6.94
C PRO A 293 27.30 -15.57 8.17
N GLU A 294 27.47 -14.26 7.99
CA GLU A 294 27.62 -13.34 9.11
C GLU A 294 26.38 -13.35 10.00
N LEU A 295 25.26 -13.83 9.46
CA LEU A 295 24.01 -13.88 10.22
C LEU A 295 24.04 -15.05 11.22
N GLY A 296 24.80 -16.09 10.88
CA GLY A 296 24.86 -17.27 11.71
C GLY A 296 23.59 -18.10 11.66
N MET A 297 23.01 -18.20 10.47
CA MET A 297 21.79 -18.97 10.30
C MET A 297 22.10 -20.47 10.28
N ASN A 298 21.28 -21.26 10.99
CA ASN A 298 21.36 -22.72 10.98
C ASN A 298 19.96 -23.34 10.90
N PRO A 299 19.85 -24.66 10.67
CA PRO A 299 18.53 -25.27 10.47
C PRO A 299 17.51 -25.12 11.60
N SER A 300 17.97 -24.81 12.81
CA SER A 300 17.02 -24.66 13.92
C SER A 300 16.12 -23.44 13.68
N HIS A 301 16.62 -22.53 12.86
CA HIS A 301 15.97 -21.25 12.57
C HIS A 301 14.86 -21.36 11.52
N CYS A 302 14.84 -22.48 10.80
CA CYS A 302 13.89 -22.71 9.72
C CYS A 302 12.46 -22.99 10.19
N ASN A 303 11.49 -22.38 9.49
CA ASN A 303 10.07 -22.67 9.65
C ASN A 303 9.46 -23.03 8.30
N GLU A 304 9.33 -24.31 8.02
CA GLU A 304 8.75 -24.73 6.76
C GLU A 304 7.23 -24.77 6.86
N MET A 305 6.56 -24.21 5.85
CA MET A 305 5.10 -24.13 5.80
C MET A 305 4.67 -23.86 4.35
N SER A 306 3.36 -23.89 4.09
CA SER A 306 2.88 -23.56 2.75
C SER A 306 2.94 -22.04 2.55
N TRP A 307 2.83 -21.59 1.31
CA TRP A 307 2.86 -20.16 1.06
C TRP A 307 1.71 -19.47 1.80
N ILE A 308 0.52 -20.07 1.75
CA ILE A 308 -0.64 -19.42 2.36
C ILE A 308 -0.46 -19.30 3.88
N GLN A 309 0.18 -20.29 4.49
CA GLN A 309 0.37 -20.25 5.94
C GLN A 309 1.39 -19.19 6.32
N SER A 310 2.32 -18.89 5.41
CA SER A 310 3.30 -17.82 5.61
C SER A 310 2.68 -16.44 5.77
N ILE A 311 1.46 -16.23 5.27
CA ILE A 311 0.89 -14.88 5.35
C ILE A 311 0.54 -14.48 6.81
N PRO A 312 -0.25 -15.29 7.54
CA PRO A 312 -0.47 -14.88 8.94
C PRO A 312 0.80 -14.95 9.78
N PHE A 313 1.67 -15.91 9.46
CA PHE A 313 2.90 -16.07 10.21
C PHE A 313 3.78 -14.83 10.15
N VAL A 314 4.00 -14.32 8.93
CA VAL A 314 4.84 -13.15 8.76
C VAL A 314 4.25 -11.94 9.48
N HIS A 315 2.95 -11.70 9.32
CA HIS A 315 2.37 -10.50 9.92
C HIS A 315 2.16 -10.61 11.42
N LEU A 316 1.77 -11.79 11.91
CA LEU A 316 1.37 -11.93 13.31
C LEU A 316 2.38 -12.70 14.16
N GLY A 317 2.89 -13.81 13.62
CA GLY A 317 3.66 -14.76 14.40
C GLY A 317 2.82 -15.99 14.68
N HIS A 318 1.65 -16.07 14.05
CA HIS A 318 0.72 -17.18 14.29
C HIS A 318 0.85 -18.20 13.15
N ARG A 319 0.51 -19.46 13.42
CA ARG A 319 0.70 -20.55 12.44
C ARG A 319 -0.57 -21.38 12.27
N ASP A 320 -1.51 -21.17 13.19
CA ASP A 320 -2.67 -22.02 13.37
C ASP A 320 -3.98 -21.48 12.75
N ALA A 321 -4.07 -20.15 12.58
CA ALA A 321 -5.38 -19.47 12.53
C ALA A 321 -5.81 -18.99 11.14
N LEU A 322 -5.75 -19.88 10.15
CA LEU A 322 -5.83 -19.46 8.75
C LEU A 322 -7.08 -18.65 8.34
N GLU A 323 -8.28 -19.17 8.55
CA GLU A 323 -9.49 -18.44 8.17
C GLU A 323 -9.70 -17.21 9.05
N ASP A 324 -9.21 -17.26 10.28
CA ASP A 324 -9.49 -16.17 11.20
C ASP A 324 -8.63 -14.96 10.84
N ASP A 325 -7.37 -15.21 10.48
CA ASP A 325 -6.42 -14.14 10.22
C ASP A 325 -6.63 -13.53 8.83
N LEU A 326 -6.84 -14.37 7.83
CA LEU A 326 -7.07 -13.91 6.46
C LEU A 326 -8.48 -13.37 6.19
N LEU A 327 -9.48 -13.84 6.93
CA LEU A 327 -10.86 -13.40 6.71
C LEU A 327 -11.39 -12.66 7.92
N ASN A 328 -11.00 -11.41 8.10
CA ASN A 328 -11.43 -10.74 9.30
C ASN A 328 -11.86 -9.34 9.00
N ARG A 329 -13.11 -9.02 9.29
CA ARG A 329 -13.60 -7.67 9.11
C ARG A 329 -14.16 -7.10 10.42
N GLN A 330 -13.50 -7.43 11.53
CA GLN A 330 -13.88 -6.85 12.82
C GLN A 330 -13.19 -5.51 13.04
N ASN A 331 -11.88 -5.48 12.77
CA ASN A 331 -11.04 -4.29 12.93
C ASN A 331 -11.08 -3.71 14.34
N SER A 332 -10.38 -4.36 15.28
CA SER A 332 -10.27 -3.83 16.64
C SER A 332 -8.96 -3.04 16.79
N PHE A 333 -8.07 -3.22 15.83
CA PHE A 333 -6.81 -2.50 15.80
C PHE A 333 -7.02 -1.19 15.06
N LYS A 334 -7.29 -0.15 15.85
CA LYS A 334 -7.34 1.21 15.32
C LYS A 334 -6.42 2.10 16.14
N PRO A 335 -5.10 1.90 16.00
CA PRO A 335 -4.15 2.76 16.72
C PRO A 335 -4.12 4.17 16.13
N PHE A 336 -3.51 5.09 16.86
CA PHE A 336 -3.12 6.35 16.26
C PHE A 336 -1.80 6.07 15.53
N ALA A 337 -1.71 6.45 14.27
CA ALA A 337 -0.54 6.05 13.50
C ALA A 337 0.00 7.17 12.64
N GLU A 338 1.32 7.23 12.59
CA GLU A 338 2.04 8.11 11.69
C GLU A 338 3.05 7.28 10.91
N TYR A 339 3.20 7.55 9.62
CA TYR A 339 4.15 6.79 8.79
C TYR A 339 4.96 7.69 7.85
N LYS A 340 6.22 7.32 7.63
CA LYS A 340 7.04 7.94 6.59
C LYS A 340 7.83 6.86 5.86
N SER A 341 8.41 7.18 4.71
CA SER A 341 9.25 6.19 4.01
C SER A 341 10.40 6.84 3.22
N ASP A 342 11.37 6.00 2.85
CA ASP A 342 12.60 6.42 2.20
C ASP A 342 13.12 5.30 1.32
N TYR A 343 13.97 5.67 0.37
CA TYR A 343 14.64 4.70 -0.48
C TYR A 343 16.14 4.91 -0.46
N VAL A 344 16.88 3.80 -0.57
CA VAL A 344 18.32 3.84 -0.38
C VAL A 344 19.03 3.13 -1.53
N TYR A 345 19.97 3.85 -2.13
CA TYR A 345 20.62 3.42 -3.35
C TYR A 345 22.10 3.08 -3.14
N GLN A 346 22.71 3.73 -2.14
CA GLN A 346 24.12 3.48 -1.83
C GLN A 346 24.28 3.28 -0.33
N PRO A 347 25.09 2.28 0.06
CA PRO A 347 25.22 1.77 1.43
C PRO A 347 25.44 2.84 2.51
N PHE A 348 24.78 2.68 3.64
CA PHE A 348 25.05 3.49 4.83
C PHE A 348 26.47 3.28 5.33
N PRO A 349 27.14 4.36 5.75
CA PRO A 349 28.35 4.21 6.58
C PRO A 349 27.94 3.55 7.92
N LYS A 350 28.78 2.67 8.46
CA LYS A 350 28.39 1.88 9.62
C LYS A 350 28.03 2.75 10.83
N THR A 351 28.55 3.96 10.87
CA THR A 351 28.24 4.87 11.97
C THR A 351 26.75 5.30 11.98
N VAL A 352 26.12 5.36 10.80
CA VAL A 352 24.69 5.70 10.70
C VAL A 352 23.83 4.59 11.30
N TRP A 353 24.18 3.34 10.98
CA TRP A 353 23.54 2.18 11.59
C TRP A 353 23.66 2.23 13.12
N GLU A 354 24.82 2.65 13.62
CA GLU A 354 25.05 2.73 15.06
C GLU A 354 24.11 3.74 15.69
N GLN A 355 23.98 4.88 15.04
CA GLN A 355 23.09 5.93 15.53
C GLN A 355 21.63 5.50 15.50
N ILE A 356 21.26 4.71 14.51
CA ILE A 356 19.88 4.30 14.36
C ILE A 356 19.53 3.34 15.49
N LEU A 357 20.30 2.27 15.58
CA LEU A 357 20.10 1.24 16.59
C LEU A 357 20.30 1.77 18.02
N ASN A 358 21.41 2.46 18.27
CA ASN A 358 21.71 2.82 19.67
C ASN A 358 21.03 4.11 20.12
N THR A 359 20.81 5.05 19.21
CA THR A 359 20.32 6.36 19.61
C THR A 359 18.87 6.65 19.22
N TRP A 360 18.57 6.63 17.92
CA TRP A 360 17.25 7.07 17.44
C TRP A 360 16.12 6.14 17.83
N LEU A 361 16.39 4.84 17.82
CA LEU A 361 15.37 3.86 18.19
C LEU A 361 15.22 3.72 19.72
N VAL A 362 16.01 4.47 20.48
CA VAL A 362 15.83 4.57 21.94
C VAL A 362 15.55 6.01 22.36
N LYS A 363 14.45 6.58 21.88
CA LYS A 363 14.07 7.95 22.23
C LYS A 363 12.62 7.95 22.64
N PRO A 364 12.19 9.01 23.34
CA PRO A 364 10.76 9.00 23.66
C PRO A 364 9.91 9.11 22.38
N GLY A 365 8.88 8.26 22.31
CA GLY A 365 8.01 8.23 21.15
C GLY A 365 8.65 7.64 19.90
N ALA A 366 9.87 7.10 20.01
CA ALA A 366 10.52 6.45 18.88
C ALA A 366 9.60 5.38 18.29
N GLY A 367 9.71 5.16 16.99
CA GLY A 367 8.82 4.21 16.33
C GLY A 367 9.57 2.98 15.90
N ILE A 368 9.07 2.34 14.84
CA ILE A 368 9.65 1.11 14.31
C ILE A 368 10.17 1.39 12.89
N MET A 369 11.28 0.76 12.52
CA MET A 369 11.81 0.90 11.18
C MET A 369 11.87 -0.45 10.48
N ILE A 370 11.30 -0.50 9.28
CA ILE A 370 11.23 -1.72 8.50
C ILE A 370 12.06 -1.54 7.22
N PHE A 371 12.93 -2.49 6.94
CA PHE A 371 13.83 -2.39 5.79
C PHE A 371 13.54 -3.52 4.78
N ASP A 372 13.01 -3.18 3.61
CA ASP A 372 12.76 -4.19 2.57
C ASP A 372 13.83 -4.08 1.50
N PRO A 373 14.60 -5.16 1.28
CA PRO A 373 15.60 -5.14 0.21
C PRO A 373 14.95 -5.35 -1.16
N TYR A 374 15.43 -4.63 -2.16
CA TYR A 374 14.93 -4.79 -3.52
C TYR A 374 15.90 -5.64 -4.33
N GLY A 375 16.32 -5.15 -5.49
CA GLY A 375 17.15 -5.95 -6.40
C GLY A 375 16.31 -7.01 -7.07
N ALA A 376 16.96 -7.95 -7.75
CA ALA A 376 16.25 -9.06 -8.40
C ALA A 376 15.10 -8.58 -9.32
N THR A 377 13.92 -9.20 -9.23
CA THR A 377 12.84 -8.93 -10.20
C THR A 377 12.28 -7.51 -10.09
N ILE A 378 11.94 -7.07 -8.88
CA ILE A 378 11.42 -5.71 -8.74
C ILE A 378 12.37 -4.68 -9.34
N SER A 379 13.67 -4.91 -9.28
CA SER A 379 14.63 -3.91 -9.76
C SER A 379 14.97 -4.13 -11.25
N ALA A 380 14.53 -5.27 -11.79
CA ALA A 380 14.75 -5.61 -13.20
C ALA A 380 13.82 -4.85 -14.15
N THR A 381 12.59 -4.62 -13.70
CA THR A 381 11.62 -3.82 -14.44
C THR A 381 12.15 -2.41 -14.66
N PRO A 382 12.09 -1.94 -15.90
CA PRO A 382 12.52 -0.57 -16.19
C PRO A 382 11.72 0.44 -15.37
N GLU A 383 12.36 1.52 -14.94
CA GLU A 383 11.73 2.48 -14.04
C GLU A 383 10.44 3.11 -14.57
N SER A 384 10.28 3.18 -15.90
CA SER A 384 9.12 3.87 -16.48
C SER A 384 8.11 2.88 -17.04
N ALA A 385 8.36 1.59 -16.91
CA ALA A 385 7.46 0.58 -17.47
C ALA A 385 6.12 0.54 -16.71
N THR A 386 6.13 1.06 -15.48
CA THR A 386 4.96 1.24 -14.64
C THR A 386 5.15 2.60 -13.97
N PRO A 387 4.11 3.14 -13.33
CA PRO A 387 4.37 4.43 -12.64
C PRO A 387 5.30 4.32 -11.41
N PHE A 388 5.53 3.10 -10.92
CA PHE A 388 6.36 2.85 -9.74
C PHE A 388 7.83 2.88 -10.16
N PRO A 389 8.58 3.91 -9.70
CA PRO A 389 9.93 4.23 -10.19
C PRO A 389 11.08 3.61 -9.38
N HIS A 390 10.81 3.04 -8.21
CA HIS A 390 11.89 2.67 -7.29
C HIS A 390 12.39 1.27 -7.60
N ARG A 391 13.31 1.19 -8.56
CA ARG A 391 13.64 -0.07 -9.20
C ARG A 391 15.15 -0.33 -9.25
N LYS A 392 15.76 -0.16 -10.43
CA LYS A 392 17.20 -0.40 -10.60
C LYS A 392 18.05 0.42 -9.63
N GLY A 393 18.96 -0.26 -8.94
CA GLY A 393 19.89 0.41 -8.04
C GLY A 393 19.43 0.52 -6.60
N VAL A 394 18.13 0.34 -6.37
CA VAL A 394 17.61 0.39 -5.00
C VAL A 394 18.20 -0.78 -4.21
N LEU A 395 18.87 -0.45 -3.09
CA LEU A 395 19.29 -1.46 -2.14
C LEU A 395 18.10 -1.84 -1.29
N PHE A 396 17.52 -0.85 -0.62
CA PHE A 396 16.35 -1.13 0.18
C PHE A 396 15.46 0.08 0.40
N ASN A 397 14.21 -0.25 0.77
CA ASN A 397 13.20 0.71 1.16
C ASN A 397 13.17 0.76 2.69
N ILE A 398 12.82 1.92 3.24
CA ILE A 398 12.66 2.10 4.68
C ILE A 398 11.25 2.58 4.99
N GLN A 399 10.56 1.91 5.92
CA GLN A 399 9.32 2.49 6.41
C GLN A 399 9.49 2.88 7.86
N TYR A 400 9.05 4.09 8.22
CA TYR A 400 9.08 4.56 9.60
C TYR A 400 7.68 4.51 10.18
N VAL A 401 7.43 3.53 11.03
CA VAL A 401 6.10 3.32 11.62
C VAL A 401 6.00 3.84 13.05
N ASN A 402 4.99 4.67 13.31
CA ASN A 402 4.74 5.20 14.65
C ASN A 402 3.34 4.98 15.18
N TYR A 403 3.24 4.16 16.22
CA TYR A 403 1.95 3.85 16.84
C TYR A 403 1.84 4.46 18.23
N TRP A 404 0.66 4.98 18.56
CA TRP A 404 0.35 5.30 19.95
C TRP A 404 -1.15 5.10 20.18
N PHE A 405 -1.55 5.05 21.45
CA PHE A 405 -2.86 4.48 21.76
C PHE A 405 -3.71 5.37 22.67
N ALA A 406 -3.25 6.58 22.92
CA ALA A 406 -4.06 7.51 23.70
C ALA A 406 -4.13 8.87 22.98
N PRO A 407 -5.30 9.51 23.01
CA PRO A 407 -5.58 10.71 22.21
C PRO A 407 -4.66 11.92 22.45
N GLY A 408 -4.16 12.10 23.67
CA GLY A 408 -3.35 13.27 23.99
C GLY A 408 -1.86 13.12 23.80
N ALA A 409 -1.41 11.90 23.56
CA ALA A 409 0.02 11.59 23.53
C ALA A 409 0.63 11.62 22.13
N ALA A 410 0.20 12.57 21.29
CA ALA A 410 0.63 12.59 19.90
C ALA A 410 1.98 13.28 19.68
N ALA A 411 2.29 14.28 20.50
CA ALA A 411 3.39 15.20 20.21
C ALA A 411 4.77 14.52 20.12
N ALA A 412 5.08 13.64 21.07
CA ALA A 412 6.40 13.00 21.10
C ALA A 412 6.64 12.05 19.91
N PRO A 413 5.68 11.14 19.61
CA PRO A 413 5.94 10.30 18.44
C PRO A 413 5.93 11.09 17.12
N LEU A 414 5.04 12.08 16.98
CA LEU A 414 5.06 12.93 15.79
C LEU A 414 6.39 13.66 15.66
N SER A 415 6.89 14.15 16.80
CA SER A 415 8.17 14.84 16.85
C SER A 415 9.35 13.93 16.49
N TRP A 416 9.28 12.66 16.85
CA TRP A 416 10.32 11.71 16.48
C TRP A 416 10.34 11.42 14.96
N SER A 417 9.17 11.18 14.38
CA SER A 417 9.05 10.93 12.94
C SER A 417 9.65 12.08 12.15
N LYS A 418 9.32 13.30 12.58
CA LYS A 418 9.86 14.49 11.94
C LYS A 418 11.37 14.57 12.14
N ASP A 419 11.84 14.41 13.38
CA ASP A 419 13.26 14.49 13.72
C ASP A 419 14.13 13.40 13.05
N ILE A 420 13.64 12.17 12.96
CA ILE A 420 14.49 11.15 12.38
C ILE A 420 14.51 11.29 10.85
N TYR A 421 13.42 11.78 10.26
CA TYR A 421 13.42 11.99 8.81
C TYR A 421 14.47 13.05 8.45
N ASN A 422 14.55 14.09 9.28
CA ASN A 422 15.57 15.11 9.10
C ASN A 422 16.97 14.52 9.24
N TYR A 423 17.21 13.73 10.28
CA TYR A 423 18.51 13.10 10.49
C TYR A 423 18.96 12.27 9.28
N MET A 424 18.04 11.53 8.68
CA MET A 424 18.39 10.55 7.66
C MET A 424 18.67 11.15 6.28
N GLU A 425 18.27 12.41 6.08
CA GLU A 425 18.34 13.05 4.76
C GLU A 425 19.65 12.83 3.95
N PRO A 426 20.84 12.99 4.57
CA PRO A 426 22.08 12.81 3.78
C PRO A 426 22.30 11.40 3.24
N TYR A 427 21.67 10.41 3.86
CA TYR A 427 22.03 9.01 3.59
C TYR A 427 21.03 8.27 2.71
N VAL A 428 19.89 8.90 2.45
CA VAL A 428 18.86 8.32 1.60
C VAL A 428 18.84 8.99 0.22
N SER A 429 17.96 8.54 -0.66
CA SER A 429 17.92 9.09 -2.01
C SER A 429 17.58 10.59 -1.99
N LYS A 430 18.06 11.32 -3.00
CA LYS A 430 17.80 12.75 -3.05
C LYS A 430 17.62 13.26 -4.49
N ASN A 431 17.00 14.44 -4.59
CA ASN A 431 16.67 15.07 -5.87
C ASN A 431 16.08 14.12 -6.91
N PRO A 432 14.88 13.59 -6.64
CA PRO A 432 14.06 13.87 -5.45
C PRO A 432 14.34 12.90 -4.29
N ARG A 433 13.88 13.26 -3.11
CA ARG A 433 13.91 12.30 -2.02
C ARG A 433 12.73 11.34 -2.21
N GLN A 434 13.00 10.16 -2.77
CA GLN A 434 11.95 9.22 -3.14
C GLN A 434 11.17 8.64 -1.94
N ALA A 435 9.89 8.34 -2.21
CA ALA A 435 8.96 7.86 -1.20
C ALA A 435 7.95 6.92 -1.86
N TYR A 436 7.36 6.02 -1.08
CA TYR A 436 6.40 5.08 -1.64
C TYR A 436 4.96 5.60 -1.48
N ALA A 437 4.28 5.76 -2.62
CA ALA A 437 2.92 6.28 -2.70
C ALA A 437 1.94 5.61 -1.72
N ASN A 438 2.00 4.30 -1.58
CA ASN A 438 1.07 3.63 -0.67
C ASN A 438 1.42 3.86 0.81
N TYR A 439 2.62 4.37 1.08
CA TYR A 439 2.93 4.85 2.42
C TYR A 439 2.66 6.33 2.47
N ARG A 440 1.40 6.71 2.27
CA ARG A 440 1.04 8.10 2.03
C ARG A 440 1.49 9.02 3.16
N ASP A 441 2.14 10.11 2.80
CA ASP A 441 2.71 11.04 3.78
C ASP A 441 2.42 12.47 3.35
N ILE A 442 1.42 13.08 3.99
CA ILE A 442 0.96 14.41 3.59
C ILE A 442 2.03 15.48 3.82
N ASP A 443 2.99 15.21 4.70
CA ASP A 443 4.06 16.19 4.96
C ASP A 443 5.06 16.28 3.78
N LEU A 444 5.01 15.31 2.87
CA LEU A 444 5.81 15.40 1.65
C LEU A 444 5.32 16.54 0.77
N GLY A 445 4.13 17.04 1.04
CA GLY A 445 3.52 18.07 0.22
C GLY A 445 2.09 17.73 -0.14
N ARG A 446 1.32 18.77 -0.46
CA ARG A 446 -0.06 18.60 -0.86
C ARG A 446 -0.41 19.56 -2.02
N ASN A 447 -1.56 19.30 -2.62
CA ASN A 447 -2.02 20.07 -3.75
C ASN A 447 -2.56 21.45 -3.39
N GLU A 448 -2.25 22.43 -4.23
CA GLU A 448 -2.98 23.68 -4.20
C GLU A 448 -4.07 23.60 -5.26
N VAL A 449 -5.22 24.18 -4.97
CA VAL A 449 -6.34 24.15 -5.91
C VAL A 449 -6.69 25.55 -6.39
N VAL A 450 -6.65 25.72 -7.70
CA VAL A 450 -6.91 26.99 -8.35
C VAL A 450 -7.97 26.82 -9.43
N ASN A 451 -9.05 27.60 -9.33
CA ASN A 451 -10.23 27.43 -10.19
C ASN A 451 -10.77 26.00 -10.13
N ASP A 452 -10.87 25.49 -8.91
CA ASP A 452 -11.40 24.16 -8.67
C ASP A 452 -10.61 23.05 -9.37
N VAL A 453 -9.35 23.32 -9.70
CA VAL A 453 -8.48 22.28 -10.29
C VAL A 453 -7.13 22.25 -9.61
N SER A 454 -6.66 21.06 -9.25
CA SER A 454 -5.33 20.87 -8.70
C SER A 454 -4.26 21.40 -9.65
N THR A 455 -3.30 22.14 -9.12
CA THR A 455 -2.27 22.72 -9.99
C THR A 455 -1.11 21.74 -10.17
N TYR A 456 -0.61 21.69 -11.41
CA TYR A 456 0.54 20.88 -11.77
C TYR A 456 1.75 21.16 -10.90
N ALA A 457 1.97 22.44 -10.58
CA ALA A 457 3.20 22.82 -9.88
C ALA A 457 3.15 22.35 -8.43
N SER A 458 2.00 22.46 -7.78
CA SER A 458 1.90 21.97 -6.42
C SER A 458 1.97 20.44 -6.40
N GLY A 459 1.41 19.79 -7.42
CA GLY A 459 1.41 18.34 -7.46
C GLY A 459 2.81 17.76 -7.64
N LYS A 460 3.64 18.52 -8.34
CA LYS A 460 5.00 18.14 -8.69
C LYS A 460 5.87 17.92 -7.44
N VAL A 461 5.61 18.70 -6.40
CA VAL A 461 6.43 18.69 -5.20
C VAL A 461 6.45 17.31 -4.51
N TRP A 462 5.28 16.74 -4.23
CA TRP A 462 5.25 15.37 -3.70
C TRP A 462 5.30 14.34 -4.84
N GLY A 463 4.73 14.69 -5.99
CA GLY A 463 4.58 13.74 -7.08
C GLY A 463 5.89 13.15 -7.58
N GLN A 464 6.92 13.97 -7.60
CA GLN A 464 8.23 13.50 -8.00
C GLN A 464 8.86 12.61 -6.94
N LYS A 465 8.45 12.77 -5.69
CA LYS A 465 8.93 11.90 -4.63
C LYS A 465 8.33 10.50 -4.79
N TYR A 466 7.02 10.43 -5.02
CA TYR A 466 6.35 9.13 -5.17
C TYR A 466 6.66 8.48 -6.51
N PHE A 467 6.75 9.28 -7.56
CA PHE A 467 6.73 8.76 -8.92
C PHE A 467 7.95 9.12 -9.78
N LYS A 468 8.80 10.01 -9.29
CA LYS A 468 10.04 10.36 -9.97
C LYS A 468 9.80 10.79 -11.43
N GLY A 469 10.54 10.18 -12.36
CA GLY A 469 10.43 10.53 -13.76
C GLY A 469 9.10 10.21 -14.42
N ASN A 470 8.21 9.54 -13.70
CA ASN A 470 6.95 9.12 -14.26
C ASN A 470 5.84 10.11 -13.99
N PHE A 471 6.10 11.07 -13.11
CA PHE A 471 5.06 12.00 -12.70
C PHE A 471 4.42 12.75 -13.87
N GLU A 472 5.22 13.26 -14.79
CA GLU A 472 4.66 14.05 -15.88
C GLU A 472 3.72 13.22 -16.75
N ARG A 473 4.14 12.01 -17.10
CA ARG A 473 3.26 11.14 -17.87
C ARG A 473 1.94 10.87 -17.09
N LEU A 474 2.02 10.75 -15.77
CA LEU A 474 0.80 10.55 -14.99
C LEU A 474 -0.13 11.76 -15.11
N ALA A 475 0.45 12.96 -15.07
CA ALA A 475 -0.37 14.18 -15.13
C ALA A 475 -1.00 14.36 -16.51
N ILE A 476 -0.26 13.97 -17.54
CA ILE A 476 -0.77 14.06 -18.89
C ILE A 476 -1.94 13.07 -19.05
N THR A 477 -1.72 11.83 -18.60
CA THR A 477 -2.79 10.84 -18.60
C THR A 477 -4.03 11.36 -17.85
N LYS A 478 -3.82 11.96 -16.68
CA LYS A 478 -4.92 12.56 -15.90
C LYS A 478 -5.66 13.60 -16.71
N GLY A 479 -4.87 14.46 -17.38
CA GLY A 479 -5.41 15.52 -18.22
C GLY A 479 -6.32 14.97 -19.29
N LYS A 480 -5.98 13.81 -19.84
CA LYS A 480 -6.81 13.14 -20.83
C LYS A 480 -8.10 12.52 -20.29
N VAL A 481 -8.04 11.88 -19.12
CA VAL A 481 -9.18 11.12 -18.64
C VAL A 481 -10.04 11.85 -17.59
N ASP A 482 -9.51 12.94 -17.03
CA ASP A 482 -10.25 13.68 -16.01
C ASP A 482 -9.76 15.14 -15.99
N PRO A 483 -9.94 15.85 -17.12
CA PRO A 483 -9.44 17.23 -17.23
C PRO A 483 -10.03 18.19 -16.20
N THR A 484 -11.24 17.91 -15.69
CA THR A 484 -11.82 18.80 -14.67
C THR A 484 -11.48 18.37 -13.24
N ASP A 485 -10.59 17.40 -13.09
CA ASP A 485 -10.12 17.01 -11.76
C ASP A 485 -11.28 16.61 -10.85
N TYR A 486 -12.18 15.78 -11.35
CA TYR A 486 -13.33 15.38 -10.56
C TYR A 486 -12.88 14.46 -9.41
N PHE A 487 -12.18 13.40 -9.80
CA PHE A 487 -11.62 12.43 -8.84
C PHE A 487 -10.31 12.97 -8.25
N ARG A 488 -10.38 13.65 -7.12
CA ARG A 488 -9.16 14.18 -6.50
C ARG A 488 -9.18 14.11 -5.00
N ASN A 489 -8.00 14.28 -4.41
CA ASN A 489 -7.87 14.50 -2.99
C ASN A 489 -6.70 15.45 -2.83
N GLU A 490 -6.19 15.60 -1.63
CA GLU A 490 -5.16 16.59 -1.36
C GLU A 490 -3.80 16.14 -1.89
N GLN A 491 -3.71 14.90 -2.34
CA GLN A 491 -2.43 14.39 -2.86
C GLN A 491 -2.68 13.47 -4.06
N SER A 492 -3.47 13.95 -5.02
CA SER A 492 -3.80 13.19 -6.22
C SER A 492 -3.17 13.83 -7.45
N ILE A 493 -2.96 13.04 -8.51
CA ILE A 493 -2.32 13.55 -9.72
C ILE A 493 -3.11 14.70 -10.34
N PRO A 494 -2.44 15.84 -10.54
CA PRO A 494 -3.12 16.98 -11.19
C PRO A 494 -3.14 16.84 -12.71
N PRO A 495 -4.20 17.33 -13.35
CA PRO A 495 -4.26 17.21 -14.82
C PRO A 495 -3.31 18.19 -15.49
N LEU A 496 -2.51 17.69 -16.43
CA LEU A 496 -1.65 18.55 -17.25
C LEU A 496 -2.20 18.58 -18.67
N ILE A 497 -2.63 19.76 -19.14
CA ILE A 497 -3.15 19.94 -20.52
C ILE A 497 -2.74 21.29 -21.14
N LYS A 498 -2.95 21.44 -22.44
CA LYS A 498 -2.72 22.71 -23.14
C LYS A 498 -3.96 23.16 -23.92
PA FAD B . -8.30 3.08 0.99
O1A FAD B . -9.67 2.47 0.74
O2A FAD B . -8.12 4.10 2.07
O5B FAD B . -7.71 3.63 -0.38
C5B FAD B . -6.44 4.30 -0.41
C4B FAD B . -6.39 5.33 -1.56
O4B FAD B . -6.68 4.72 -2.81
C3B FAD B . -7.41 6.44 -1.37
O3B FAD B . -6.91 7.61 -2.03
C2B FAD B . -8.60 5.94 -2.13
O2B FAD B . -9.40 7.01 -2.58
C1B FAD B . -7.95 5.16 -3.28
N9A FAD B . -8.83 4.02 -3.66
C8A FAD B . -9.45 3.16 -2.82
N7A FAD B . -10.19 2.26 -3.50
C5A FAD B . -10.06 2.55 -4.82
C6A FAD B . -10.56 2.02 -6.10
N6A FAD B . -11.39 0.94 -6.13
N1A FAD B . -10.17 2.63 -7.25
C2A FAD B . -9.33 3.69 -7.25
N3A FAD B . -8.85 4.22 -6.13
C4A FAD B . -9.16 3.70 -4.91
N1 FAD B . 1.40 -1.44 1.49
C2 FAD B . 2.21 -2.29 0.86
O2 FAD B . 2.54 -2.04 -0.31
N3 FAD B . 2.68 -3.42 1.45
C4 FAD B . 2.35 -3.80 2.69
O4 FAD B . 2.82 -4.87 3.19
C4X FAD B . 1.46 -2.90 3.46
N5 FAD B . 1.08 -3.14 4.72
C5X FAD B . 0.07 -2.43 5.28
C6 FAD B . -0.50 -2.85 6.48
C7 FAD B . -1.53 -2.15 7.08
C7M FAD B . -2.10 -2.66 8.38
C8 FAD B . -2.06 -0.93 6.41
C8M FAD B . -3.21 -0.12 7.01
C9 FAD B . -1.50 -0.50 5.21
C9A FAD B . -0.45 -1.20 4.63
N10 FAD B . 0.15 -0.78 3.42
C10 FAD B . 1.00 -1.68 2.75
C1' FAD B . -0.30 0.42 2.71
C2' FAD B . -1.46 0.09 1.77
O2' FAD B . -0.99 -0.60 0.60
C3' FAD B . -2.07 1.40 1.38
O3' FAD B . -2.50 1.99 2.61
C4' FAD B . -3.23 1.19 0.40
O4' FAD B . -3.38 2.36 -0.42
C5' FAD B . -4.50 0.84 1.16
O5' FAD B . -5.56 0.45 0.29
P FAD B . -7.06 0.43 0.87
O1P FAD B . -8.00 0.10 -0.27
O2P FAD B . -7.13 -0.30 2.20
O3P FAD B . -7.16 1.98 1.28
NA NA C . 1.13 11.27 8.03
NA NA D . 18.68 10.87 -6.90
BR BR E . -0.12 -4.69 2.72
BR BR F . 3.37 13.24 23.95
BR BR G . -3.80 -8.29 10.67
BR BR H . 30.01 -9.52 11.22
BR BR I . 25.30 -12.68 -3.11
BR BR J . 8.84 -20.73 -7.56
BR BR J . 7.78 -23.08 -8.05
BR BR K . -2.16 5.66 -2.74
BR BR L . 18.45 -28.56 6.83
BR BR M . 31.28 -15.08 8.90
BR BR N . 10.28 -26.71 10.01
BR BR O . -27.40 7.36 -14.77
BR BR P . -6.64 -22.61 -19.66
BR BR Q . -4.94 -23.77 9.04
BR BR R . -3.29 3.02 9.49
BR BR S . 10.39 -18.00 13.75
BR BR T . -17.95 17.50 9.22
BR BR U . -6.25 -5.13 -25.16
BR BR V . 21.72 16.22 2.47
BR BR W . -18.15 -5.13 -14.39
BR BR X . -16.08 -3.44 -19.55
BR BR Y . 25.84 -25.73 4.90
BR BR Z . -10.89 26.98 -6.20
BR BR AA . 1.89 -26.04 6.32
BR BR BA . 15.93 12.01 24.02
BR BR CA . 8.33 14.25 -13.94
BR BR DA . 16.98 -15.43 17.13
BR BR EA . 26.37 -1.69 -2.87
BR BR FA . -1.56 -14.34 -18.12
BR BR GA . -34.08 -0.60 -0.61
BR BR HA . -14.71 -11.26 10.82
BR BR IA . 21.11 6.74 -1.49
BR BR JA . 19.60 -3.73 -9.19
BR BR KA . -20.24 10.51 12.82
BR BR LA . 12.43 7.60 -12.99
BR BR MA . -14.06 -25.61 -1.23
BR BR NA . -5.71 21.12 2.08
BR BR OA . -29.59 4.12 8.36
BR BR PA . 27.36 -0.90 17.91
BR BR QA . 5.56 -27.57 4.84
BR BR RA . -21.87 -1.06 4.68
BR BR SA . 12.87 16.23 -2.81
BR BR TA . 12.26 13.48 -10.89
BR BR UA . -10.07 -15.09 -14.65
BR BR VA . -20.96 1.88 -19.70
BR BR WA . -17.40 18.66 -9.59
BR BR XA . -5.43 7.56 -21.98
BR BR YA . -3.69 16.21 9.17
BR BR ZA . -4.60 20.77 7.58
BR BR AB . -6.06 25.05 -1.85
BR BR BB . 16.03 -17.73 -7.82
BR BR CB . 5.60 23.69 -13.36
BR BR DB . -1.09 -6.78 -19.42
BR BR EB . -24.39 21.87 -10.30
BR BR FB . 7.61 16.29 22.35
BR BR GB . -22.26 -5.81 -11.04
BR BR HB . -13.60 -1.80 -26.93
BR BR IB . 8.72 15.49 6.06
BR BR JB . 0.56 5.70 23.99
BR BR KB . 14.08 17.20 -7.42
BR BR LB . 8.89 -28.33 -1.97
BR BR MB . 22.96 5.27 -7.28
BR BR NB . -14.32 4.94 14.29
BR BR OB . -2.93 13.81 15.32
BR BR OB . -3.79 12.26 17.99
BR BR PB . 21.94 2.09 -10.56
BR BR QB . 5.67 2.18 -21.22
BR BR RB . -13.92 27.94 -9.20
BR BR SB . 16.50 -1.10 -16.50
BR BR TB . -30.22 14.22 -11.77
#